data_5JLD
#
_entry.id   5JLD
#
_cell.length_a   46.196
_cell.length_b   62.079
_cell.length_c   114.640
_cell.angle_alpha   90.000
_cell.angle_beta   96.050
_cell.angle_gamma   90.000
#
_symmetry.space_group_name_H-M   'P 1 21 1'
#
loop_
_entity.id
_entity.type
_entity.pdbx_description
1 polymer 'Arginyl-tRNA synthetase, putative'
2 water water
#
_entity_poly.entity_id   1
_entity_poly.type   'polypeptide(L)'
_entity_poly.pdbx_seq_one_letter_code
;GAMAITMECITKKIKTIFQNSIQKCFPSISEDAIVTYANLKFGHYQCNNAINIYKKYGKELNYENAQKISEFIISNINET
IFEEIKSSPQGFITVKLSKDYIETSLKKLFNGEKIDISININDIKESNENYGNVLVDFSSPNIAKEMHVGHLRSTIIGDS
ICRVFEFLKINTHRVNHVGDWGTQFGMIINYIKTHYPNFKEEMPDLSNLTSLYQESKKMYDADKEFEKSSKENAIKLQNN
DEDCKFVWNKLCESSKKEFDKLYNILDIKLEYVGESFYVPMLSTVLDLLKESKLLTNIGDAICYQSENFKVPLFLQKSNG
GYGYDSTDVAALYYRLTQLNCNCVIYVTDIGQLTHFETIFDLIKKTNWGDKNAKLMHVGFGFVLNEDNKKFKTRSGTTVK
LINLIKEGTERAKRDLLQRIETKSEEEKSYFENVDIDQLSESLCVSAIKYFDLKQHRNSDYKFSYDNMLNVKGNTGIYII
YGYSRICSIFRKSTINVEDISKDELSLTSIYEINLGLHILKFPDIFYYILKNMLVHKLAEYMYDLTTTFTAFYENCKVLN
NENEKSRLLLCSITKSLLKLCMELLGMKPIEKLENLYFQ
;
_entity_poly.pdbx_strand_id   A
#
# COMPACT_ATOMS: atom_id res chain seq x y z
N ALA A 4 15.88 -4.98 18.79
CA ALA A 4 15.17 -6.19 18.42
C ALA A 4 13.83 -6.30 19.17
N ILE A 5 13.55 -5.28 20.00
CA ILE A 5 12.29 -5.23 20.74
C ILE A 5 11.27 -4.40 19.97
N THR A 6 10.13 -5.02 19.68
CA THR A 6 9.21 -4.46 18.72
C THR A 6 8.09 -3.65 19.35
N MET A 7 7.67 -2.61 18.64
CA MET A 7 6.63 -1.68 19.07
C MET A 7 5.34 -2.39 19.41
N GLU A 8 4.70 -1.92 20.48
CA GLU A 8 3.39 -2.39 20.89
C GLU A 8 2.33 -1.78 20.00
N CYS A 9 1.28 -2.53 19.70
CA CYS A 9 0.15 -1.95 18.99
C CYS A 9 -0.84 -1.36 19.99
N ILE A 10 -0.83 -0.05 20.14
CA ILE A 10 -1.57 0.60 21.22
C ILE A 10 -3.10 0.47 21.07
N THR A 11 -3.62 0.67 19.86
CA THR A 11 -5.07 0.50 19.64
C THR A 11 -5.56 -0.87 20.16
N LYS A 12 -4.77 -1.92 19.94
CA LYS A 12 -5.16 -3.29 20.33
C LYS A 12 -5.03 -3.48 21.82
N LYS A 13 -3.98 -2.88 22.38
CA LYS A 13 -3.76 -2.88 23.82
C LYS A 13 -4.96 -2.27 24.58
N ILE A 14 -5.33 -1.07 24.15
CA ILE A 14 -6.44 -0.35 24.77
C ILE A 14 -7.78 -1.06 24.52
N LYS A 15 -7.95 -1.55 23.30
CA LYS A 15 -9.14 -2.33 22.94
C LYS A 15 -9.31 -3.48 23.92
N THR A 16 -8.20 -4.20 24.17
CA THR A 16 -8.24 -5.30 25.12
C THR A 16 -8.61 -4.83 26.54
N ILE A 17 -7.96 -3.76 27.01
CA ILE A 17 -8.32 -3.23 28.34
C ILE A 17 -9.84 -2.94 28.49
N PHE A 18 -10.41 -2.28 27.49
CA PHE A 18 -11.84 -1.99 27.53
C PHE A 18 -12.71 -3.25 27.42
N GLN A 19 -12.30 -4.18 26.55
CA GLN A 19 -12.99 -5.46 26.39
C GLN A 19 -13.09 -6.19 27.72
N ASN A 20 -11.98 -6.24 28.44
CA ASN A 20 -12.00 -6.93 29.73
C ASN A 20 -12.91 -6.19 30.71
N SER A 21 -12.84 -4.85 30.72
CA SER A 21 -13.75 -4.14 31.65
C SER A 21 -15.24 -4.37 31.33
N ILE A 22 -15.57 -4.36 30.05
CA ILE A 22 -16.93 -4.59 29.59
C ILE A 22 -17.40 -5.98 30.00
N GLN A 23 -16.55 -6.97 29.75
CA GLN A 23 -16.87 -8.35 30.14
C GLN A 23 -17.11 -8.48 31.64
N LYS A 24 -16.27 -7.81 32.42
CA LYS A 24 -16.41 -7.84 33.87
C LYS A 24 -17.72 -7.16 34.32
N CYS A 25 -18.04 -6.04 33.68
CA CYS A 25 -19.26 -5.30 33.96
C CYS A 25 -20.51 -6.10 33.62
N PHE A 26 -20.49 -6.72 32.45
CA PHE A 26 -21.65 -7.44 31.96
C PHE A 26 -21.24 -8.85 31.49
N PRO A 27 -21.02 -9.78 32.43
CA PRO A 27 -20.43 -11.10 32.18
C PRO A 27 -21.06 -11.87 31.01
N SER A 28 -22.38 -11.83 30.90
CA SER A 28 -23.07 -12.57 29.84
C SER A 28 -23.50 -11.63 28.71
N ILE A 29 -22.55 -10.87 28.18
CA ILE A 29 -22.83 -9.95 27.09
C ILE A 29 -21.93 -10.26 25.90
N SER A 30 -22.45 -10.07 24.70
CA SER A 30 -21.61 -10.18 23.51
C SER A 30 -21.49 -8.79 22.93
N GLU A 31 -20.33 -8.17 23.17
CA GLU A 31 -20.12 -6.78 22.85
C GLU A 31 -18.63 -6.57 22.58
N ASP A 32 -18.26 -6.49 21.32
CA ASP A 32 -16.86 -6.33 20.95
C ASP A 32 -16.47 -4.86 21.09
N ALA A 33 -15.46 -4.61 21.92
CA ALA A 33 -15.01 -3.26 22.17
C ALA A 33 -14.45 -2.65 20.91
N ILE A 34 -14.82 -1.41 20.64
CA ILE A 34 -14.23 -0.68 19.52
C ILE A 34 -13.54 0.57 20.05
N VAL A 35 -12.32 0.77 19.58
CA VAL A 35 -11.48 1.85 20.03
C VAL A 35 -11.09 2.73 18.84
N THR A 36 -11.27 4.03 19.03
CA THR A 36 -10.88 5.03 18.04
C THR A 36 -9.96 6.07 18.67
N TYR A 37 -9.61 7.06 17.88
CA TYR A 37 -8.82 8.19 18.37
C TYR A 37 -9.80 9.19 18.90
N ALA A 38 -9.39 9.88 19.94
CA ALA A 38 -10.19 10.96 20.47
C ALA A 38 -9.74 12.23 19.78
N ASN A 39 -10.57 13.26 19.88
CA ASN A 39 -10.16 14.63 19.61
C ASN A 39 -8.95 14.94 20.48
N LEU A 40 -7.85 15.35 19.86
CA LEU A 40 -6.58 15.52 20.58
C LEU A 40 -6.64 16.60 21.65
N LYS A 41 -7.57 17.55 21.51
CA LYS A 41 -7.74 18.60 22.50
C LYS A 41 -8.20 17.99 23.82
N PHE A 42 -8.87 16.85 23.74
CA PHE A 42 -9.54 16.29 24.90
C PHE A 42 -9.02 14.91 25.31
N GLY A 43 -8.48 14.15 24.37
CA GLY A 43 -7.88 12.88 24.74
C GLY A 43 -6.99 12.29 23.67
N HIS A 44 -6.56 11.05 23.89
CA HIS A 44 -5.74 10.34 22.92
C HIS A 44 -6.56 9.25 22.24
N TYR A 45 -7.13 8.35 23.04
CA TYR A 45 -7.98 7.31 22.48
C TYR A 45 -9.37 7.41 23.12
N GLN A 46 -10.31 6.65 22.57
CA GLN A 46 -11.70 6.76 22.93
C GLN A 46 -12.45 5.46 22.65
N CYS A 47 -13.41 5.13 23.50
CA CYS A 47 -14.22 3.94 23.32
C CYS A 47 -15.69 4.30 23.51
N ASN A 48 -16.51 3.86 22.58
CA ASN A 48 -17.89 4.31 22.49
C ASN A 48 -18.93 3.26 22.90
N ASN A 49 -18.46 2.11 23.39
CA ASN A 49 -19.34 0.96 23.58
C ASN A 49 -20.45 1.14 24.59
N ALA A 50 -20.25 2.05 25.55
CA ALA A 50 -21.30 2.32 26.53
C ALA A 50 -22.57 2.79 25.85
N ILE A 51 -22.42 3.51 24.75
CA ILE A 51 -23.59 4.08 24.06
C ILE A 51 -24.42 2.95 23.46
N ASN A 52 -23.76 2.01 22.80
CA ASN A 52 -24.46 0.86 22.25
C ASN A 52 -25.03 -0.08 23.32
N ILE A 53 -24.31 -0.24 24.42
CA ILE A 53 -24.82 -1.07 25.51
C ILE A 53 -26.05 -0.43 26.11
N TYR A 54 -26.06 0.89 26.21
CA TYR A 54 -27.22 1.62 26.76
C TYR A 54 -28.39 1.51 25.81
N LYS A 55 -28.13 1.60 24.51
CA LYS A 55 -29.24 1.50 23.56
C LYS A 55 -29.84 0.10 23.57
N LYS A 56 -29.01 -0.94 23.57
CA LYS A 56 -29.51 -2.32 23.58
C LYS A 56 -30.19 -2.73 24.90
N TYR A 57 -29.49 -2.55 26.01
CA TYR A 57 -29.91 -3.13 27.28
C TYR A 57 -30.21 -2.09 28.35
N GLY A 58 -30.26 -0.82 27.96
CA GLY A 58 -30.38 0.27 28.90
C GLY A 58 -31.58 0.28 29.82
N LYS A 59 -32.77 0.19 29.24
CA LYS A 59 -34.01 0.21 30.03
C LYS A 59 -34.08 -1.01 30.93
N GLU A 60 -33.59 -2.14 30.44
CA GLU A 60 -33.55 -3.39 31.19
C GLU A 60 -32.84 -3.22 32.52
N LEU A 61 -31.56 -2.86 32.44
CA LEU A 61 -30.69 -2.81 33.61
C LEU A 61 -30.87 -1.55 34.45
N ASN A 62 -31.99 -0.87 34.25
CA ASN A 62 -32.39 0.27 35.08
C ASN A 62 -31.35 1.40 35.20
N TYR A 63 -30.56 1.60 34.13
CA TYR A 63 -29.63 2.74 34.07
C TYR A 63 -30.36 3.99 33.58
N GLU A 64 -30.06 5.13 34.20
CA GLU A 64 -30.75 6.38 33.86
C GLU A 64 -30.31 6.97 32.52
N ASN A 65 -29.07 6.66 32.11
CA ASN A 65 -28.46 7.22 30.92
C ASN A 65 -27.19 6.47 30.54
N ALA A 66 -26.62 6.79 29.39
CA ALA A 66 -25.43 6.10 28.91
C ALA A 66 -24.19 6.42 29.77
N GLN A 67 -24.14 7.65 30.29
CA GLN A 67 -22.97 8.08 31.06
C GLN A 67 -22.76 7.21 32.29
N LYS A 68 -23.84 6.77 32.93
CA LYS A 68 -23.67 5.90 34.08
C LYS A 68 -23.03 4.56 33.71
N ILE A 69 -23.42 4.03 32.56
CA ILE A 69 -22.79 2.81 32.06
C ILE A 69 -21.30 3.07 31.82
N SER A 70 -20.99 4.20 31.20
CA SER A 70 -19.58 4.46 30.92
C SER A 70 -18.80 4.59 32.24
N GLU A 71 -19.44 5.13 33.27
CA GLU A 71 -18.81 5.26 34.59
C GLU A 71 -18.57 3.89 35.26
N PHE A 72 -19.53 2.98 35.12
CA PHE A 72 -19.30 1.60 35.58
C PHE A 72 -18.07 0.97 34.85
N ILE A 73 -18.06 1.11 33.52
CA ILE A 73 -16.91 0.61 32.74
C ILE A 73 -15.57 1.20 33.23
N ILE A 74 -15.54 2.52 33.41
CA ILE A 74 -14.36 3.20 33.93
C ILE A 74 -13.95 2.67 35.31
N SER A 75 -14.94 2.47 36.20
CA SER A 75 -14.69 1.96 37.55
C SER A 75 -14.07 0.57 37.47
N ASN A 76 -14.32 -0.17 36.40
CA ASN A 76 -13.66 -1.47 36.32
C ASN A 76 -12.36 -1.48 35.47
N ILE A 77 -11.81 -0.30 35.21
CA ILE A 77 -10.50 -0.18 34.58
C ILE A 77 -9.44 0.30 35.58
N ASN A 78 -8.33 -0.39 35.66
CA ASN A 78 -7.23 0.00 36.55
C ASN A 78 -5.89 -0.05 35.80
N GLU A 79 -5.46 1.08 35.24
CA GLU A 79 -4.27 1.12 34.40
C GLU A 79 -3.41 2.33 34.68
N THR A 80 -2.16 2.10 35.07
CA THR A 80 -1.26 3.20 35.36
C THR A 80 -0.81 3.88 34.07
N ILE A 81 -0.98 3.23 32.92
CA ILE A 81 -0.56 3.84 31.66
C ILE A 81 -1.53 4.91 31.18
N PHE A 82 -2.71 4.94 31.79
CA PHE A 82 -3.68 5.99 31.55
C PHE A 82 -3.42 7.15 32.50
N GLU A 83 -3.04 8.30 31.96
CA GLU A 83 -2.88 9.50 32.78
C GLU A 83 -4.25 10.02 33.18
N GLU A 84 -5.22 9.81 32.30
CA GLU A 84 -6.57 10.27 32.52
C GLU A 84 -7.55 9.36 31.78
N ILE A 85 -8.71 9.15 32.39
CA ILE A 85 -9.80 8.42 31.78
C ILE A 85 -11.10 9.11 32.23
N LYS A 86 -11.91 9.52 31.25
CA LYS A 86 -13.07 10.37 31.51
C LYS A 86 -14.29 9.98 30.67
N SER A 87 -15.46 10.06 31.28
CA SER A 87 -16.71 9.85 30.57
C SER A 87 -17.12 11.15 29.90
N SER A 88 -18.33 11.16 29.36
CA SER A 88 -18.86 12.26 28.58
C SER A 88 -20.37 12.10 28.69
N PRO A 89 -21.12 13.20 28.50
CA PRO A 89 -22.57 13.09 28.64
C PRO A 89 -23.19 12.12 27.63
N GLN A 90 -22.56 11.97 26.46
CA GLN A 90 -23.04 11.04 25.45
C GLN A 90 -22.73 9.61 25.91
N GLY A 91 -21.66 9.46 26.66
CA GLY A 91 -21.33 8.17 27.22
C GLY A 91 -20.09 7.53 26.66
N PHE A 92 -19.46 8.14 25.67
CA PHE A 92 -18.17 7.59 25.27
C PHE A 92 -17.11 7.93 26.33
N ILE A 93 -15.99 7.23 26.25
CA ILE A 93 -14.91 7.31 27.23
C ILE A 93 -13.61 7.68 26.56
N THR A 94 -12.91 8.67 27.08
CA THR A 94 -11.63 9.07 26.51
C THR A 94 -10.50 8.77 27.48
N VAL A 95 -9.34 8.46 26.94
CA VAL A 95 -8.15 8.23 27.73
C VAL A 95 -6.96 8.97 27.14
N LYS A 96 -6.05 9.33 28.05
CA LYS A 96 -4.75 9.90 27.71
C LYS A 96 -3.68 8.97 28.22
N LEU A 97 -2.69 8.69 27.39
CA LEU A 97 -1.56 7.90 27.82
C LEU A 97 -0.68 8.76 28.73
N SER A 98 -0.15 8.15 29.78
CA SER A 98 0.77 8.86 30.67
C SER A 98 2.09 9.20 30.00
N LYS A 99 2.73 10.24 30.53
CA LYS A 99 4.05 10.68 30.15
C LYS A 99 5.07 9.52 30.28
N ASP A 100 4.93 8.74 31.34
CA ASP A 100 5.90 7.66 31.58
CA ASP A 100 5.87 7.65 31.61
C ASP A 100 5.70 6.49 30.61
N TYR A 101 4.44 6.14 30.32
CA TYR A 101 4.22 5.10 29.32
C TYR A 101 4.83 5.49 27.97
N ILE A 102 4.61 6.74 27.57
CA ILE A 102 5.12 7.20 26.28
C ILE A 102 6.65 7.22 26.27
N GLU A 103 7.25 7.69 27.35
CA GLU A 103 8.72 7.74 27.46
C GLU A 103 9.36 6.36 27.41
N THR A 104 8.83 5.45 28.23
CA THR A 104 9.32 4.07 28.28
C THR A 104 9.16 3.38 26.91
N SER A 105 8.01 3.64 26.28
CA SER A 105 7.73 3.00 24.99
C SER A 105 8.75 3.51 23.97
N LEU A 106 8.97 4.81 23.97
CA LEU A 106 9.97 5.42 23.09
C LEU A 106 11.36 4.84 23.31
N LYS A 107 11.72 4.63 24.57
CA LYS A 107 13.02 4.07 24.90
C LYS A 107 13.18 2.64 24.38
N LYS A 108 12.09 1.88 24.31
CA LYS A 108 12.14 0.60 23.58
C LYS A 108 12.69 0.71 22.11
N LEU A 109 12.53 1.86 21.45
CA LEU A 109 12.96 2.03 20.06
C LEU A 109 14.47 1.97 19.83
N PHE A 110 15.23 1.88 20.90
CA PHE A 110 16.67 1.86 20.77
C PHE A 110 17.26 0.50 20.92
N ASN A 111 17.79 -0.03 19.84
CA ASN A 111 18.43 -1.31 19.87
C ASN A 111 19.80 -0.95 20.31
N GLY A 112 20.15 -1.31 21.53
CA GLY A 112 21.44 -0.97 22.04
C GLY A 112 21.58 0.53 22.05
N GLU A 113 22.22 1.08 21.03
CA GLU A 113 22.42 2.50 20.95
C GLU A 113 21.88 3.15 19.70
N LYS A 114 21.51 2.37 18.69
CA LYS A 114 20.96 2.96 17.48
C LYS A 114 19.47 2.76 17.43
N ILE A 115 18.77 3.61 16.71
CA ILE A 115 17.31 3.47 16.62
C ILE A 115 16.86 2.37 15.67
N ASP A 116 16.07 1.42 16.19
CA ASP A 116 15.52 0.35 15.38
C ASP A 116 13.99 0.27 15.47
N ILE A 117 13.31 0.82 14.47
CA ILE A 117 11.85 0.75 14.39
C ILE A 117 11.39 -0.56 13.75
N SER A 118 10.70 -1.40 14.52
CA SER A 118 10.34 -2.74 14.08
C SER A 118 8.94 -3.10 14.58
N ILE A 119 8.25 -3.93 13.80
CA ILE A 119 6.88 -4.29 14.12
C ILE A 119 6.66 -5.75 13.83
N ASN A 120 6.37 -6.53 14.86
CA ASN A 120 6.02 -7.91 14.65
C ASN A 120 4.58 -8.05 14.20
N ILE A 121 4.37 -8.66 13.03
CA ILE A 121 3.02 -8.76 12.49
C ILE A 121 2.04 -9.51 13.41
N ASN A 122 2.55 -10.43 14.23
CA ASN A 122 1.73 -11.15 15.22
C ASN A 122 0.96 -10.16 16.13
N ASP A 123 1.56 -9.01 16.38
CA ASP A 123 0.97 -8.02 17.28
C ASP A 123 -0.04 -7.11 16.58
N ILE A 124 -0.17 -7.19 15.26
CA ILE A 124 -1.13 -6.29 14.61
C ILE A 124 -2.22 -7.06 13.87
N LYS A 125 -2.39 -8.32 14.22
CA LYS A 125 -3.35 -9.18 13.56
C LYS A 125 -3.99 -10.13 14.56
N GLU A 126 -5.03 -10.81 14.14
CA GLU A 126 -5.54 -11.90 14.96
C GLU A 126 -4.69 -13.16 14.73
N SER A 127 -4.51 -13.95 15.77
CA SER A 127 -3.61 -15.09 15.73
C SER A 127 -4.13 -16.18 14.79
N ASN A 128 -5.41 -16.11 14.47
CA ASN A 128 -5.97 -17.06 13.52
C ASN A 128 -5.52 -16.69 12.12
N GLU A 129 -5.19 -15.41 11.92
CA GLU A 129 -4.85 -14.91 10.58
C GLU A 129 -3.42 -15.28 10.18
N ASN A 130 -3.28 -15.84 8.98
CA ASN A 130 -1.98 -16.28 8.47
C ASN A 130 -1.49 -15.35 7.36
N TYR A 131 -0.25 -14.87 7.47
CA TYR A 131 0.34 -14.07 6.39
C TYR A 131 1.65 -14.70 5.94
N GLY A 132 1.72 -16.03 6.00
CA GLY A 132 2.91 -16.75 5.62
C GLY A 132 3.39 -16.34 4.24
N ASN A 133 2.52 -16.44 3.25
CA ASN A 133 2.88 -16.05 1.90
C ASN A 133 1.89 -15.06 1.36
N VAL A 134 2.38 -13.89 0.97
CA VAL A 134 1.51 -12.86 0.40
C VAL A 134 1.89 -12.61 -1.05
N LEU A 135 0.89 -12.51 -1.92
CA LEU A 135 1.14 -12.16 -3.31
C LEU A 135 0.39 -10.89 -3.66
N VAL A 136 1.09 -9.95 -4.30
CA VAL A 136 0.48 -8.71 -4.77
C VAL A 136 0.55 -8.66 -6.30
N ASP A 137 -0.63 -8.58 -6.91
CA ASP A 137 -0.80 -8.55 -8.36
C ASP A 137 -1.05 -7.11 -8.78
N PHE A 138 -0.07 -6.51 -9.47
CA PHE A 138 -0.19 -5.10 -9.81
C PHE A 138 0.55 -4.72 -11.09
N SER A 139 0.31 -3.48 -11.50
CA SER A 139 0.80 -2.84 -12.73
C SER A 139 0.04 -3.34 -13.96
N SER A 140 0.31 -4.56 -14.38
CA SER A 140 -0.45 -5.19 -15.48
C SER A 140 -0.41 -4.50 -16.87
N PRO A 141 0.79 -4.18 -17.38
CA PRO A 141 0.72 -3.62 -18.72
C PRO A 141 0.38 -4.69 -19.76
N ASN A 142 0.09 -4.25 -20.98
CA ASN A 142 -0.15 -5.13 -22.13
C ASN A 142 0.95 -4.97 -23.16
N ILE A 143 1.51 -6.09 -23.61
CA ILE A 143 2.50 -6.11 -24.68
C ILE A 143 1.95 -5.38 -25.92
N ALA A 144 2.82 -4.63 -26.58
CA ALA A 144 2.50 -3.92 -27.82
C ALA A 144 1.42 -2.86 -27.60
N LYS A 145 1.29 -2.41 -26.36
CA LYS A 145 0.41 -1.28 -26.05
C LYS A 145 1.09 -0.32 -25.10
N GLU A 146 0.69 0.94 -25.16
CA GLU A 146 1.34 1.90 -24.30
C GLU A 146 0.86 1.69 -22.86
N MET A 147 1.79 1.78 -21.94
CA MET A 147 1.45 1.90 -20.53
C MET A 147 0.78 3.24 -20.35
N HIS A 148 -0.32 3.27 -19.62
CA HIS A 148 -1.01 4.53 -19.33
C HIS A 148 -1.03 4.83 -17.84
N VAL A 149 -1.54 6.02 -17.50
CA VAL A 149 -1.51 6.52 -16.14
C VAL A 149 -2.20 5.59 -15.12
N GLY A 150 -3.19 4.83 -15.57
CA GLY A 150 -3.79 3.80 -14.72
C GLY A 150 -2.77 2.73 -14.32
N HIS A 151 -1.99 2.27 -15.30
CA HIS A 151 -0.91 1.32 -15.02
C HIS A 151 0.07 1.91 -14.02
N LEU A 152 0.36 3.20 -14.18
CA LEU A 152 1.27 3.90 -13.28
C LEU A 152 0.75 3.87 -11.86
N ARG A 153 -0.51 4.27 -11.69
CA ARG A 153 -1.15 4.27 -10.39
C ARG A 153 -1.11 2.88 -9.75
N SER A 154 -1.46 1.86 -10.55
CA SER A 154 -1.45 0.49 -10.05
C SER A 154 -0.05 0.09 -9.59
N THR A 155 0.94 0.57 -10.34
CA THR A 155 2.34 0.26 -10.10
C THR A 155 2.77 0.85 -8.76
N ILE A 156 2.43 2.13 -8.56
CA ILE A 156 2.75 2.89 -7.34
C ILE A 156 2.09 2.34 -6.07
N ILE A 157 0.78 2.15 -6.16
CA ILE A 157 0.03 1.55 -5.05
C ILE A 157 0.57 0.16 -4.69
N GLY A 158 0.67 -0.70 -5.71
CA GLY A 158 1.11 -2.07 -5.49
C GLY A 158 2.51 -2.12 -4.86
N ASP A 159 3.41 -1.29 -5.36
CA ASP A 159 4.74 -1.30 -4.80
C ASP A 159 4.72 -0.85 -3.33
N SER A 160 3.92 0.17 -3.02
CA SER A 160 3.81 0.57 -1.60
C SER A 160 3.33 -0.59 -0.71
N ILE A 161 2.27 -1.26 -1.14
CA ILE A 161 1.78 -2.42 -0.39
C ILE A 161 2.85 -3.50 -0.17
N CYS A 162 3.60 -3.79 -1.25
CA CYS A 162 4.68 -4.77 -1.13
C CYS A 162 5.71 -4.32 -0.10
N ARG A 163 6.10 -3.06 -0.18
CA ARG A 163 7.11 -2.53 0.72
C ARG A 163 6.59 -2.64 2.17
N VAL A 164 5.28 -2.47 2.35
CA VAL A 164 4.69 -2.62 3.68
C VAL A 164 4.89 -4.03 4.18
N PHE A 165 4.54 -5.02 3.36
CA PHE A 165 4.73 -6.42 3.81
C PHE A 165 6.21 -6.80 4.02
N GLU A 166 7.09 -6.26 3.19
CA GLU A 166 8.53 -6.52 3.33
C GLU A 166 9.06 -5.87 4.63
N PHE A 167 8.50 -4.71 5.00
CA PHE A 167 8.84 -4.11 6.28
C PHE A 167 8.43 -5.04 7.43
N LEU A 168 7.23 -5.61 7.33
CA LEU A 168 6.74 -6.61 8.27
C LEU A 168 7.39 -8.00 8.09
N LYS A 169 8.45 -8.07 7.29
CA LYS A 169 9.22 -9.31 7.09
C LYS A 169 8.37 -10.45 6.56
N ILE A 170 7.39 -10.12 5.73
CA ILE A 170 6.53 -11.12 5.14
C ILE A 170 7.13 -11.58 3.81
N ASN A 171 7.05 -12.89 3.55
CA ASN A 171 7.42 -13.43 2.25
C ASN A 171 6.45 -12.90 1.19
N THR A 172 6.93 -12.00 0.35
CA THR A 172 6.02 -11.23 -0.51
C THR A 172 6.31 -11.44 -1.99
N HIS A 173 5.30 -11.89 -2.74
CA HIS A 173 5.50 -12.12 -4.19
C HIS A 173 5.05 -10.89 -4.95
N ARG A 174 5.98 -10.22 -5.61
CA ARG A 174 5.68 -9.10 -6.50
C ARG A 174 5.40 -9.62 -7.93
N VAL A 175 4.14 -9.59 -8.33
CA VAL A 175 3.75 -10.24 -9.57
C VAL A 175 3.09 -9.30 -10.59
N ASN A 176 3.67 -9.25 -11.78
CA ASN A 176 3.15 -8.45 -12.87
C ASN A 176 2.47 -9.34 -13.92
N HIS A 177 1.13 -9.39 -13.89
CA HIS A 177 0.29 -10.18 -14.79
C HIS A 177 0.16 -9.48 -16.14
N VAL A 178 1.25 -9.50 -16.92
CA VAL A 178 1.31 -8.76 -18.17
C VAL A 178 0.42 -9.41 -19.24
N GLY A 179 -0.22 -8.58 -20.08
CA GLY A 179 -1.02 -9.08 -21.18
C GLY A 179 -0.16 -9.51 -22.36
N ASP A 180 0.34 -10.74 -22.35
CA ASP A 180 1.27 -11.21 -23.37
C ASP A 180 0.68 -12.37 -24.16
N TRP A 181 -0.64 -12.48 -24.17
CA TRP A 181 -1.28 -13.56 -24.88
C TRP A 181 -2.64 -13.08 -25.40
N GLY A 182 -2.64 -11.88 -25.99
CA GLY A 182 -3.87 -11.24 -26.39
C GLY A 182 -4.28 -11.42 -27.84
N THR A 183 -5.31 -10.66 -28.22
CA THR A 183 -5.89 -10.72 -29.56
C THR A 183 -4.85 -10.48 -30.63
N GLN A 184 -4.21 -9.32 -30.52
CA GLN A 184 -3.38 -8.73 -31.57
C GLN A 184 -2.30 -9.60 -32.20
N PHE A 185 -1.72 -10.53 -31.44
CA PHE A 185 -0.48 -11.19 -31.87
C PHE A 185 -0.59 -11.84 -33.26
N GLY A 186 -1.80 -12.16 -33.68
CA GLY A 186 -2.03 -12.59 -35.06
C GLY A 186 -1.65 -11.51 -36.05
N MET A 187 -2.45 -10.43 -36.07
CA MET A 187 -2.24 -9.28 -36.95
C MET A 187 -0.77 -8.93 -37.09
N ILE A 188 -0.16 -8.60 -35.95
CA ILE A 188 1.24 -8.17 -35.91
C ILE A 188 2.10 -9.24 -36.57
N ILE A 189 1.95 -10.48 -36.11
CA ILE A 189 2.77 -11.57 -36.66
C ILE A 189 2.55 -11.74 -38.17
N ASN A 190 1.35 -11.40 -38.65
CA ASN A 190 1.09 -11.41 -40.08
C ASN A 190 2.02 -10.40 -40.77
N TYR A 191 1.93 -9.16 -40.31
CA TYR A 191 2.66 -8.04 -40.89
C TYR A 191 4.15 -8.36 -40.96
N ILE A 192 4.71 -8.80 -39.83
CA ILE A 192 6.14 -9.07 -39.71
C ILE A 192 6.64 -10.11 -40.73
N LYS A 193 5.73 -10.88 -41.31
CA LYS A 193 6.17 -11.80 -42.36
C LYS A 193 5.40 -11.57 -43.66
N THR A 194 4.44 -10.65 -43.62
CA THR A 194 3.82 -10.14 -44.82
C THR A 194 4.64 -8.95 -45.32
N HIS A 195 5.68 -8.60 -44.56
CA HIS A 195 6.54 -7.46 -44.90
C HIS A 195 8.02 -7.72 -44.66
N TYR A 196 8.36 -8.63 -43.74
CA TYR A 196 9.76 -8.96 -43.49
C TYR A 196 10.03 -10.46 -43.50
N PRO A 197 10.02 -11.07 -44.70
CA PRO A 197 10.24 -12.51 -44.92
C PRO A 197 11.45 -13.08 -44.18
N ASN A 198 12.56 -12.36 -44.20
CA ASN A 198 13.77 -12.77 -43.49
C ASN A 198 13.69 -12.46 -42.00
N PHE A 199 12.50 -12.66 -41.42
CA PHE A 199 12.25 -12.36 -40.02
C PHE A 199 13.16 -13.15 -39.08
N LYS A 200 13.26 -14.46 -39.32
CA LYS A 200 14.00 -15.35 -38.43
C LYS A 200 15.48 -15.01 -38.33
N GLU A 201 16.08 -14.63 -39.46
CA GLU A 201 17.52 -14.35 -39.50
C GLU A 201 17.83 -12.90 -39.13
N GLU A 202 16.87 -12.01 -39.36
CA GLU A 202 17.03 -10.59 -39.04
C GLU A 202 15.68 -9.92 -38.79
N MET A 203 15.41 -9.57 -37.54
CA MET A 203 14.15 -8.95 -37.14
C MET A 203 14.10 -7.46 -37.48
N PRO A 204 12.93 -6.99 -37.96
CA PRO A 204 12.68 -5.56 -38.21
C PRO A 204 12.73 -4.74 -36.93
N ASP A 205 12.61 -3.42 -37.04
CA ASP A 205 12.73 -2.56 -35.87
C ASP A 205 11.50 -2.61 -34.98
N LEU A 206 11.72 -2.93 -33.71
CA LEU A 206 10.64 -3.06 -32.74
C LEU A 206 10.53 -1.82 -31.85
N SER A 207 11.32 -0.80 -32.19
CA SER A 207 11.34 0.45 -31.41
C SER A 207 10.03 1.22 -31.52
N ASN A 208 9.21 0.88 -32.52
CA ASN A 208 7.96 1.59 -32.75
C ASN A 208 6.75 0.65 -32.74
N LEU A 209 6.75 -0.29 -31.81
CA LEU A 209 5.74 -1.35 -31.74
C LEU A 209 4.31 -0.81 -31.64
N THR A 210 4.10 0.24 -30.85
CA THR A 210 2.76 0.76 -30.64
C THR A 210 2.14 1.31 -31.93
N SER A 211 2.99 1.75 -32.85
CA SER A 211 2.53 2.27 -34.14
C SER A 211 2.15 1.12 -35.08
N LEU A 212 3.11 0.20 -35.25
CA LEU A 212 2.92 -0.99 -36.07
C LEU A 212 1.70 -1.79 -35.59
N TYR A 213 1.37 -1.63 -34.31
CA TYR A 213 0.21 -2.27 -33.69
C TYR A 213 -1.10 -1.88 -34.37
N GLN A 214 -1.39 -0.57 -34.40
CA GLN A 214 -2.56 -0.09 -35.10
C GLN A 214 -2.37 -0.46 -36.55
N GLU A 215 -1.24 -0.09 -37.16
CA GLU A 215 -0.97 -0.45 -38.56
C GLU A 215 -1.55 -1.83 -38.95
N SER A 216 -1.18 -2.84 -38.16
CA SER A 216 -1.75 -4.18 -38.28
C SER A 216 -3.27 -4.18 -38.07
N LYS A 217 -3.78 -3.51 -37.03
CA LYS A 217 -5.25 -3.41 -36.89
C LYS A 217 -5.97 -2.85 -38.13
N LYS A 218 -5.32 -1.92 -38.80
CA LYS A 218 -5.88 -1.25 -39.97
C LYS A 218 -5.90 -2.20 -41.14
N MET A 219 -4.75 -2.80 -41.44
CA MET A 219 -4.65 -3.67 -42.63
C MET A 219 -5.64 -4.84 -42.61
N TYR A 220 -6.00 -5.33 -41.42
CA TYR A 220 -6.94 -6.45 -41.33
C TYR A 220 -7.99 -6.14 -40.25
N LYS A 231 -5.57 -14.65 -39.32
CA LYS A 231 -6.03 -15.25 -38.08
C LYS A 231 -5.50 -16.67 -37.92
N GLU A 232 -4.97 -17.22 -39.02
CA GLU A 232 -4.37 -18.55 -38.99
C GLU A 232 -3.11 -18.49 -38.12
N ASN A 233 -2.50 -17.32 -38.06
CA ASN A 233 -1.28 -17.10 -37.30
C ASN A 233 -1.53 -17.15 -35.79
N ALA A 234 -2.71 -16.70 -35.35
CA ALA A 234 -3.05 -16.77 -33.93
C ALA A 234 -3.27 -18.22 -33.49
N ILE A 235 -3.95 -19.00 -34.32
CA ILE A 235 -4.23 -20.38 -33.93
C ILE A 235 -2.93 -21.16 -34.05
N LYS A 236 -2.06 -20.71 -34.93
CA LYS A 236 -0.78 -21.37 -35.13
C LYS A 236 0.17 -21.01 -33.97
N LEU A 237 -0.04 -19.86 -33.35
CA LEU A 237 0.69 -19.48 -32.15
C LEU A 237 0.19 -20.28 -30.95
N GLN A 238 -1.13 -20.40 -30.82
CA GLN A 238 -1.71 -21.27 -29.80
C GLN A 238 -1.32 -22.75 -29.99
N ASN A 239 -0.81 -23.11 -31.16
CA ASN A 239 -0.34 -24.48 -31.37
C ASN A 239 1.18 -24.60 -31.43
N ASN A 240 1.86 -23.59 -30.89
CA ASN A 240 3.29 -23.62 -30.64
C ASN A 240 4.11 -23.85 -31.91
N ASP A 241 3.76 -23.14 -32.97
CA ASP A 241 4.59 -23.15 -34.16
C ASP A 241 5.90 -22.42 -33.86
N GLU A 242 6.99 -22.95 -34.42
CA GLU A 242 8.33 -22.45 -34.16
C GLU A 242 8.48 -20.95 -34.45
N ASP A 243 8.13 -20.57 -35.68
CA ASP A 243 8.32 -19.19 -36.14
C ASP A 243 7.43 -18.17 -35.42
N CYS A 244 6.14 -18.49 -35.30
CA CYS A 244 5.20 -17.61 -34.61
C CYS A 244 5.65 -17.38 -33.17
N LYS A 245 6.07 -18.45 -32.50
CA LYS A 245 6.60 -18.36 -31.15
C LYS A 245 7.86 -17.50 -31.12
N PHE A 246 8.70 -17.64 -32.15
CA PHE A 246 9.90 -16.81 -32.30
C PHE A 246 9.53 -15.32 -32.28
N VAL A 247 8.57 -14.97 -33.14
CA VAL A 247 8.14 -13.59 -33.34
C VAL A 247 7.47 -13.02 -32.09
N TRP A 248 6.49 -13.76 -31.57
CA TRP A 248 5.84 -13.46 -30.30
C TRP A 248 6.88 -13.16 -29.22
N ASN A 249 7.85 -14.05 -29.09
CA ASN A 249 8.87 -13.89 -28.06
C ASN A 249 9.68 -12.61 -28.27
N LYS A 250 9.96 -12.28 -29.54
CA LYS A 250 10.63 -11.02 -29.87
C LYS A 250 9.81 -9.78 -29.47
N LEU A 251 8.50 -9.84 -29.74
CA LEU A 251 7.58 -8.74 -29.38
C LEU A 251 7.52 -8.51 -27.87
N CYS A 252 7.29 -9.61 -27.14
CA CYS A 252 7.25 -9.60 -25.71
C CYS A 252 8.55 -9.03 -25.16
N GLU A 253 9.67 -9.48 -25.71
CA GLU A 253 10.95 -9.00 -25.20
C GLU A 253 11.11 -7.49 -25.39
N SER A 254 10.79 -7.01 -26.59
CA SER A 254 10.86 -5.58 -26.88
C SER A 254 9.99 -4.73 -25.93
N SER A 255 8.70 -5.10 -25.84
CA SER A 255 7.78 -4.37 -24.95
C SER A 255 8.26 -4.40 -23.51
N LYS A 256 8.75 -5.55 -23.07
CA LYS A 256 9.24 -5.66 -21.71
C LYS A 256 10.45 -4.77 -21.48
N LYS A 257 11.32 -4.60 -22.48
CA LYS A 257 12.42 -3.65 -22.27
C LYS A 257 11.85 -2.24 -22.07
N GLU A 258 10.85 -1.90 -22.89
CA GLU A 258 10.25 -0.57 -22.76
C GLU A 258 9.63 -0.36 -21.36
N PHE A 259 8.86 -1.33 -20.89
CA PHE A 259 8.26 -1.29 -19.57
C PHE A 259 9.33 -1.17 -18.48
N ASP A 260 10.44 -1.88 -18.68
CA ASP A 260 11.49 -1.96 -17.67
C ASP A 260 12.19 -0.61 -17.49
N LYS A 261 12.36 0.14 -18.59
CA LYS A 261 12.88 1.50 -18.40
C LYS A 261 12.06 2.30 -17.35
N LEU A 262 10.74 2.27 -17.52
CA LEU A 262 9.85 2.94 -16.58
C LEU A 262 10.01 2.37 -15.17
N TYR A 263 9.93 1.04 -15.06
CA TYR A 263 9.97 0.40 -13.75
C TYR A 263 11.25 0.79 -13.00
N ASN A 264 12.39 0.81 -13.67
CA ASN A 264 13.55 1.13 -12.85
C ASN A 264 13.79 2.65 -12.70
N ILE A 265 13.18 3.48 -13.55
CA ILE A 265 13.09 4.91 -13.23
C ILE A 265 12.31 5.11 -11.90
N LEU A 266 11.28 4.28 -11.72
CA LEU A 266 10.49 4.29 -10.49
C LEU A 266 11.13 3.52 -9.32
N ASP A 267 12.23 2.83 -9.60
CA ASP A 267 12.88 1.95 -8.61
CA ASP A 267 12.88 1.95 -8.62
C ASP A 267 11.89 0.92 -8.07
N ILE A 268 11.12 0.30 -8.96
CA ILE A 268 10.14 -0.71 -8.58
C ILE A 268 10.38 -2.02 -9.30
N LYS A 269 10.63 -3.08 -8.52
CA LYS A 269 10.86 -4.37 -9.15
C LYS A 269 9.67 -5.31 -8.97
N LEU A 270 9.38 -6.04 -10.04
CA LEU A 270 8.34 -7.05 -10.06
C LEU A 270 8.50 -8.06 -11.17
N GLU A 271 7.93 -9.24 -10.94
CA GLU A 271 8.21 -10.41 -11.77
C GLU A 271 7.16 -10.59 -12.85
N TYR A 272 7.57 -10.55 -14.12
CA TYR A 272 6.65 -10.89 -15.21
C TYR A 272 6.11 -12.32 -15.05
N VAL A 273 4.80 -12.43 -14.88
CA VAL A 273 4.10 -13.70 -14.94
C VAL A 273 2.87 -13.49 -15.81
N GLY A 274 3.05 -13.53 -17.12
CA GLY A 274 1.99 -13.15 -18.04
C GLY A 274 0.84 -14.13 -18.13
N GLU A 275 -0.19 -13.76 -18.88
CA GLU A 275 -1.26 -14.67 -19.24
C GLU A 275 -0.71 -15.97 -19.87
N SER A 276 0.29 -15.82 -20.75
CA SER A 276 0.89 -16.96 -21.46
C SER A 276 1.32 -18.05 -20.48
N PHE A 277 1.84 -17.61 -19.33
CA PHE A 277 2.35 -18.51 -18.30
C PHE A 277 1.31 -19.55 -17.89
N TYR A 278 0.04 -19.18 -17.94
CA TYR A 278 -0.96 -20.13 -17.45
C TYR A 278 -1.53 -21.02 -18.54
N VAL A 279 -1.24 -20.67 -19.79
CA VAL A 279 -1.83 -21.38 -20.91
C VAL A 279 -1.65 -22.93 -20.84
N PRO A 280 -0.44 -23.42 -20.47
CA PRO A 280 -0.32 -24.90 -20.41
C PRO A 280 -1.04 -25.58 -19.24
N MET A 281 -1.74 -24.88 -18.37
CA MET A 281 -2.42 -25.58 -17.28
C MET A 281 -3.94 -25.36 -17.31
N LEU A 282 -4.40 -24.57 -18.27
CA LEU A 282 -5.82 -24.21 -18.38
C LEU A 282 -6.75 -25.44 -18.43
N SER A 283 -6.41 -26.44 -19.24
CA SER A 283 -7.27 -27.62 -19.36
C SER A 283 -7.33 -28.33 -18.00
N THR A 284 -6.19 -28.42 -17.33
CA THR A 284 -6.15 -28.98 -15.98
C THR A 284 -7.14 -28.18 -15.10
N VAL A 285 -7.06 -26.86 -15.15
CA VAL A 285 -7.90 -26.08 -14.25
C VAL A 285 -9.36 -26.37 -14.61
N LEU A 286 -9.64 -26.46 -15.92
CA LEU A 286 -11.04 -26.56 -16.28
C LEU A 286 -11.50 -27.95 -15.87
N ASP A 287 -10.57 -28.92 -16.00
CA ASP A 287 -10.90 -30.30 -15.67
C ASP A 287 -11.30 -30.31 -14.22
N LEU A 288 -10.52 -29.60 -13.40
CA LEU A 288 -10.81 -29.61 -11.96
C LEU A 288 -12.21 -29.05 -11.73
N LEU A 289 -12.49 -27.92 -12.37
CA LEU A 289 -13.77 -27.27 -12.16
C LEU A 289 -14.90 -28.16 -12.65
N LYS A 290 -14.66 -28.90 -13.75
CA LYS A 290 -15.73 -29.72 -14.29
C LYS A 290 -16.03 -30.82 -13.27
N GLU A 291 -14.98 -31.29 -12.60
CA GLU A 291 -15.16 -32.40 -11.67
C GLU A 291 -15.81 -31.89 -10.38
N SER A 292 -15.78 -30.56 -10.16
CA SER A 292 -16.35 -30.00 -8.92
C SER A 292 -17.86 -29.77 -9.03
N LYS A 293 -18.37 -29.82 -10.26
CA LYS A 293 -19.80 -29.63 -10.55
C LYS A 293 -20.32 -28.24 -10.11
N LEU A 294 -19.48 -27.22 -10.23
CA LEU A 294 -19.89 -25.85 -9.89
C LEU A 294 -20.23 -25.04 -11.13
N LEU A 295 -20.02 -25.63 -12.31
CA LEU A 295 -20.23 -24.93 -13.57
C LEU A 295 -21.60 -25.27 -14.17
N THR A 296 -22.05 -24.44 -15.11
CA THR A 296 -23.33 -24.61 -15.77
C THR A 296 -23.25 -24.25 -17.27
N ASN A 297 -24.31 -24.55 -18.01
CA ASN A 297 -24.38 -24.19 -19.42
C ASN A 297 -25.19 -22.93 -19.71
N ILE A 298 -24.51 -21.92 -20.24
CA ILE A 298 -25.19 -20.75 -20.76
C ILE A 298 -24.90 -20.70 -22.25
N GLY A 299 -25.94 -20.91 -23.05
CA GLY A 299 -25.76 -21.17 -24.46
C GLY A 299 -24.90 -22.41 -24.60
N ASP A 300 -23.95 -22.35 -25.54
CA ASP A 300 -23.02 -23.45 -25.72
C ASP A 300 -21.77 -23.23 -24.87
N ALA A 301 -21.76 -22.18 -24.05
CA ALA A 301 -20.60 -21.95 -23.20
C ALA A 301 -20.76 -22.57 -21.82
N ILE A 302 -19.64 -22.97 -21.24
CA ILE A 302 -19.59 -23.42 -19.85
C ILE A 302 -19.13 -22.27 -18.97
N CYS A 303 -19.96 -21.95 -17.98
CA CYS A 303 -19.77 -20.78 -17.15
C CYS A 303 -19.88 -21.09 -15.68
N TYR A 304 -19.44 -20.14 -14.85
CA TYR A 304 -19.81 -20.12 -13.44
C TYR A 304 -20.81 -19.02 -13.17
N GLN A 305 -22.01 -19.41 -12.78
CA GLN A 305 -23.03 -18.47 -12.35
C GLN A 305 -23.05 -18.38 -10.83
N SER A 306 -22.62 -17.24 -10.29
CA SER A 306 -22.74 -17.03 -8.87
C SER A 306 -24.19 -16.71 -8.51
N GLU A 307 -24.54 -17.07 -7.28
CA GLU A 307 -25.82 -16.72 -6.66
C GLU A 307 -25.83 -15.25 -6.26
N ASN A 308 -24.63 -14.71 -6.02
CA ASN A 308 -24.49 -13.36 -5.48
C ASN A 308 -24.09 -12.31 -6.50
N PHE A 309 -23.85 -12.72 -7.75
CA PHE A 309 -23.48 -11.76 -8.79
C PHE A 309 -24.20 -12.12 -10.08
N LYS A 310 -24.73 -11.12 -10.77
CA LYS A 310 -25.52 -11.38 -11.98
C LYS A 310 -24.64 -11.90 -13.13
N VAL A 311 -23.51 -11.23 -13.39
CA VAL A 311 -22.65 -11.58 -14.50
C VAL A 311 -21.83 -12.84 -14.23
N PRO A 312 -22.02 -13.88 -15.05
CA PRO A 312 -21.26 -15.13 -14.90
C PRO A 312 -19.79 -15.03 -15.36
N LEU A 313 -18.95 -15.93 -14.85
CA LEU A 313 -17.62 -16.11 -15.44
C LEU A 313 -17.70 -17.03 -16.66
N PHE A 314 -17.14 -16.61 -17.78
CA PHE A 314 -17.12 -17.44 -18.98
C PHE A 314 -15.80 -18.24 -19.01
N LEU A 315 -15.91 -19.56 -18.85
CA LEU A 315 -14.73 -20.40 -18.67
C LEU A 315 -14.43 -21.27 -19.91
N GLN A 316 -15.47 -21.74 -20.59
CA GLN A 316 -15.24 -22.41 -21.87
C GLN A 316 -16.22 -21.87 -22.89
N LYS A 317 -15.72 -21.50 -24.08
CA LYS A 317 -16.55 -20.99 -25.17
C LYS A 317 -17.41 -22.05 -25.85
N SER A 318 -18.23 -21.60 -26.79
CA SER A 318 -19.03 -22.46 -27.66
C SER A 318 -18.17 -23.33 -28.56
N ASN A 319 -17.00 -22.84 -28.94
CA ASN A 319 -16.07 -23.64 -29.74
C ASN A 319 -15.63 -24.86 -28.94
N GLY A 320 -15.31 -24.63 -27.69
CA GLY A 320 -14.58 -25.60 -26.88
C GLY A 320 -13.28 -24.94 -26.43
N GLY A 321 -12.97 -23.78 -27.02
CA GLY A 321 -11.84 -22.99 -26.57
C GLY A 321 -11.99 -22.41 -25.17
N TYR A 322 -10.94 -21.75 -24.70
CA TYR A 322 -10.89 -21.24 -23.33
C TYR A 322 -11.60 -19.88 -23.21
N GLY A 323 -12.51 -19.77 -22.23
CA GLY A 323 -13.28 -18.54 -22.02
C GLY A 323 -12.44 -17.40 -21.50
N TYR A 324 -12.87 -16.15 -21.69
CA TYR A 324 -11.98 -15.05 -21.33
C TYR A 324 -11.83 -14.81 -19.82
N ASP A 325 -12.51 -15.62 -19.01
CA ASP A 325 -12.35 -15.54 -17.56
C ASP A 325 -11.49 -16.70 -17.02
N SER A 326 -11.06 -17.58 -17.92
CA SER A 326 -10.34 -18.81 -17.52
C SER A 326 -8.94 -18.50 -17.00
N THR A 327 -8.27 -17.52 -17.59
CA THR A 327 -6.94 -17.15 -17.13
C THR A 327 -6.93 -16.64 -15.67
N ASP A 328 -7.90 -15.82 -15.27
CA ASP A 328 -7.86 -15.27 -13.90
C ASP A 328 -8.08 -16.39 -12.87
N VAL A 329 -9.04 -17.26 -13.19
CA VAL A 329 -9.34 -18.40 -12.35
C VAL A 329 -8.11 -19.32 -12.22
N ALA A 330 -7.44 -19.59 -13.35
CA ALA A 330 -6.25 -20.42 -13.33
C ALA A 330 -5.14 -19.77 -12.52
N ALA A 331 -4.97 -18.47 -12.67
CA ALA A 331 -3.91 -17.80 -11.92
C ALA A 331 -4.18 -17.94 -10.42
N LEU A 332 -5.43 -17.77 -9.99
CA LEU A 332 -5.69 -17.88 -8.55
C LEU A 332 -5.50 -19.33 -8.08
N TYR A 333 -5.95 -20.29 -8.90
CA TYR A 333 -5.64 -21.72 -8.67
C TYR A 333 -4.14 -21.95 -8.43
N TYR A 334 -3.32 -21.38 -9.30
CA TYR A 334 -1.87 -21.52 -9.23
C TYR A 334 -1.32 -20.90 -7.95
N ARG A 335 -1.75 -19.68 -7.64
CA ARG A 335 -1.25 -18.97 -6.46
C ARG A 335 -1.61 -19.71 -5.19
N LEU A 336 -2.80 -20.30 -5.16
CA LEU A 336 -3.27 -20.97 -3.93
C LEU A 336 -2.65 -22.36 -3.74
N THR A 337 -2.57 -23.14 -4.83
CA THR A 337 -2.11 -24.53 -4.72
C THR A 337 -0.60 -24.68 -4.91
N GLN A 338 0.01 -23.84 -5.74
CA GLN A 338 1.43 -24.03 -6.06
C GLN A 338 2.34 -23.07 -5.30
N LEU A 339 1.85 -21.86 -5.02
CA LEU A 339 2.63 -20.89 -4.25
C LEU A 339 2.19 -20.89 -2.79
N ASN A 340 1.11 -21.61 -2.49
CA ASN A 340 0.60 -21.69 -1.11
C ASN A 340 0.33 -20.33 -0.49
N CYS A 341 -0.24 -19.43 -1.29
CA CYS A 341 -0.54 -18.07 -0.83
C CYS A 341 -1.59 -18.05 0.28
N ASN A 342 -1.32 -17.24 1.30
CA ASN A 342 -2.26 -17.03 2.40
C ASN A 342 -3.03 -15.73 2.22
N CYS A 343 -2.48 -14.85 1.40
CA CYS A 343 -3.16 -13.62 1.07
C CYS A 343 -2.83 -13.22 -0.37
N VAL A 344 -3.87 -12.93 -1.14
CA VAL A 344 -3.68 -12.49 -2.52
C VAL A 344 -4.40 -11.18 -2.77
N ILE A 345 -3.62 -10.21 -3.20
CA ILE A 345 -4.12 -8.87 -3.34
C ILE A 345 -4.06 -8.47 -4.79
N TYR A 346 -5.20 -8.10 -5.36
CA TYR A 346 -5.30 -7.61 -6.72
C TYR A 346 -5.46 -6.10 -6.75
N VAL A 347 -4.44 -5.40 -7.23
CA VAL A 347 -4.50 -3.93 -7.36
C VAL A 347 -5.00 -3.57 -8.76
N THR A 348 -6.24 -3.09 -8.89
CA THR A 348 -6.76 -2.73 -10.23
C THR A 348 -7.77 -1.57 -10.24
N ASP A 349 -8.16 -1.14 -11.44
CA ASP A 349 -9.29 -0.21 -11.61
C ASP A 349 -10.46 -0.69 -10.79
N ILE A 350 -11.18 0.27 -10.21
CA ILE A 350 -12.26 -0.03 -9.29
C ILE A 350 -13.39 -0.79 -10.02
N GLY A 351 -13.51 -0.54 -11.32
CA GLY A 351 -14.54 -1.15 -12.15
C GLY A 351 -14.37 -2.64 -12.39
N GLN A 352 -13.24 -3.20 -11.99
CA GLN A 352 -13.06 -4.65 -12.10
C GLN A 352 -13.48 -5.35 -10.82
N LEU A 353 -13.80 -4.56 -9.78
CA LEU A 353 -14.15 -5.10 -8.45
C LEU A 353 -15.06 -6.31 -8.48
N THR A 354 -16.25 -6.13 -9.05
CA THR A 354 -17.26 -7.17 -9.17
C THR A 354 -16.66 -8.42 -9.78
N HIS A 355 -15.97 -8.22 -10.91
CA HIS A 355 -15.29 -9.32 -11.59
C HIS A 355 -14.47 -10.11 -10.59
N PHE A 356 -13.60 -9.43 -9.83
CA PHE A 356 -12.72 -10.21 -8.95
C PHE A 356 -13.50 -10.79 -7.78
N GLU A 357 -14.53 -10.08 -7.34
CA GLU A 357 -15.36 -10.62 -6.27
C GLU A 357 -16.00 -11.90 -6.79
N THR A 358 -16.42 -11.87 -8.06
CA THR A 358 -17.05 -13.06 -8.64
C THR A 358 -16.03 -14.19 -8.72
N ILE A 359 -14.76 -13.84 -8.92
CA ILE A 359 -13.76 -14.89 -8.96
C ILE A 359 -13.58 -15.46 -7.55
N PHE A 360 -13.58 -14.58 -6.54
CA PHE A 360 -13.25 -15.05 -5.18
C PHE A 360 -14.36 -16.00 -4.73
N ASP A 361 -15.60 -15.59 -4.97
CA ASP A 361 -16.77 -16.41 -4.72
C ASP A 361 -16.64 -17.81 -5.35
N LEU A 362 -16.08 -17.92 -6.55
CA LEU A 362 -15.92 -19.26 -7.14
C LEU A 362 -14.84 -20.04 -6.39
N ILE A 363 -13.74 -19.35 -6.10
CA ILE A 363 -12.54 -20.02 -5.58
C ILE A 363 -12.80 -20.52 -4.15
N LYS A 364 -13.67 -19.79 -3.45
CA LYS A 364 -14.03 -20.14 -2.09
C LYS A 364 -14.88 -21.42 -2.06
N LYS A 365 -15.49 -21.75 -3.20
CA LYS A 365 -16.31 -22.96 -3.29
C LYS A 365 -15.47 -24.18 -3.66
N THR A 366 -14.20 -23.97 -4.03
CA THR A 366 -13.31 -25.09 -4.34
C THR A 366 -12.57 -25.57 -3.09
N ASN A 367 -11.73 -26.59 -3.25
CA ASN A 367 -10.85 -27.04 -2.17
C ASN A 367 -9.42 -26.54 -2.37
N TRP A 368 -9.26 -25.47 -3.15
CA TRP A 368 -7.92 -25.06 -3.57
C TRP A 368 -7.17 -24.32 -2.47
N GLY A 369 -6.02 -24.87 -2.09
CA GLY A 369 -5.12 -24.28 -1.13
C GLY A 369 -5.77 -23.98 0.20
N ASP A 370 -5.23 -22.95 0.86
CA ASP A 370 -5.68 -22.47 2.16
C ASP A 370 -7.10 -21.92 2.10
N LYS A 371 -8.06 -22.63 2.70
CA LYS A 371 -9.47 -22.19 2.69
C LYS A 371 -9.66 -20.82 3.34
N ASN A 372 -8.75 -20.44 4.23
CA ASN A 372 -8.84 -19.16 4.92
C ASN A 372 -8.03 -18.08 4.24
N ALA A 373 -7.58 -18.36 3.00
CA ALA A 373 -6.83 -17.37 2.26
C ALA A 373 -7.62 -16.06 2.17
N LYS A 374 -6.95 -14.96 2.49
CA LYS A 374 -7.52 -13.63 2.39
C LYS A 374 -7.38 -13.08 0.97
N LEU A 375 -8.52 -12.93 0.29
CA LEU A 375 -8.52 -12.48 -1.08
C LEU A 375 -9.02 -11.05 -1.12
N MET A 376 -8.18 -10.16 -1.63
CA MET A 376 -8.50 -8.75 -1.52
C MET A 376 -8.44 -8.10 -2.88
N HIS A 377 -9.46 -7.30 -3.15
CA HIS A 377 -9.39 -6.41 -4.28
C HIS A 377 -9.09 -5.01 -3.78
N VAL A 378 -8.02 -4.40 -4.31
CA VAL A 378 -7.64 -3.03 -4.01
C VAL A 378 -7.87 -2.16 -5.25
N GLY A 379 -9.00 -1.45 -5.25
CA GLY A 379 -9.43 -0.69 -6.41
C GLY A 379 -8.85 0.71 -6.43
N PHE A 380 -8.66 1.28 -7.62
CA PHE A 380 -8.30 2.71 -7.67
C PHE A 380 -9.10 3.44 -8.73
N GLY A 381 -9.25 4.75 -8.54
CA GLY A 381 -9.99 5.57 -9.49
C GLY A 381 -9.17 6.10 -10.64
N PHE A 382 -9.82 6.90 -11.49
CA PHE A 382 -9.19 7.50 -12.66
C PHE A 382 -8.27 8.66 -12.31
N VAL A 383 -7.16 8.76 -13.01
CA VAL A 383 -6.37 9.97 -13.01
C VAL A 383 -6.84 10.83 -14.18
N LEU A 384 -7.14 12.10 -13.94
CA LEU A 384 -7.71 12.93 -15.01
C LEU A 384 -6.80 14.09 -15.37
N VAL A 399 -0.01 9.39 -25.28
CA VAL A 399 0.67 10.01 -24.16
C VAL A 399 1.59 9.03 -23.38
N LYS A 400 2.89 9.32 -23.35
CA LYS A 400 3.95 8.45 -22.83
C LYS A 400 4.35 8.76 -21.38
N LEU A 401 4.39 7.73 -20.53
CA LEU A 401 4.73 7.92 -19.13
C LEU A 401 6.13 8.48 -18.89
N ILE A 402 7.11 8.02 -19.67
CA ILE A 402 8.51 8.42 -19.42
C ILE A 402 8.74 9.89 -19.75
N ASN A 403 8.13 10.38 -20.82
CA ASN A 403 8.21 11.82 -21.10
C ASN A 403 7.40 12.65 -20.12
N LEU A 404 6.31 12.10 -19.60
CA LEU A 404 5.56 12.80 -18.57
C LEU A 404 6.45 13.01 -17.34
N ILE A 405 7.11 11.94 -16.93
CA ILE A 405 8.02 12.05 -15.79
C ILE A 405 9.21 12.96 -16.11
N LYS A 406 9.72 12.95 -17.34
CA LYS A 406 10.86 13.83 -17.65
C LYS A 406 10.42 15.30 -17.65
N GLU A 407 9.16 15.54 -18.02
CA GLU A 407 8.57 16.87 -17.92
C GLU A 407 8.51 17.32 -16.46
N GLY A 408 8.01 16.42 -15.61
CA GLY A 408 8.03 16.67 -14.18
C GLY A 408 9.43 16.99 -13.68
N THR A 409 10.42 16.21 -14.13
CA THR A 409 11.81 16.39 -13.76
C THR A 409 12.28 17.80 -14.12
N GLU A 410 11.97 18.22 -15.34
CA GLU A 410 12.27 19.58 -15.78
C GLU A 410 11.65 20.63 -14.84
N ARG A 411 10.38 20.47 -14.53
CA ARG A 411 9.70 21.38 -13.60
C ARG A 411 10.38 21.45 -12.20
N ALA A 412 10.68 20.27 -11.64
CA ALA A 412 11.32 20.18 -10.33
C ALA A 412 12.70 20.85 -10.35
N LYS A 413 13.48 20.58 -11.39
CA LYS A 413 14.79 21.18 -11.52
C LYS A 413 14.67 22.70 -11.61
N ARG A 414 13.72 23.18 -12.40
CA ARG A 414 13.45 24.62 -12.52
C ARG A 414 13.18 25.25 -11.14
N ASP A 415 12.22 24.68 -10.43
CA ASP A 415 11.88 25.20 -9.11
C ASP A 415 13.10 25.17 -8.18
N LEU A 416 13.86 24.08 -8.26
CA LEU A 416 15.04 23.86 -7.42
C LEU A 416 16.13 24.90 -7.65
N LEU A 417 16.57 25.06 -8.89
CA LEU A 417 17.57 26.07 -9.23
C LEU A 417 17.07 27.46 -8.86
N GLN A 418 15.79 27.71 -9.11
CA GLN A 418 15.20 29.00 -8.75
C GLN A 418 15.29 29.23 -7.24
N ARG A 419 15.17 28.17 -6.45
CA ARG A 419 15.29 28.28 -4.99
C ARG A 419 16.74 28.49 -4.57
N ILE A 420 17.65 27.78 -5.23
CA ILE A 420 19.09 27.87 -4.92
C ILE A 420 19.62 29.28 -5.21
N GLU A 421 19.07 29.90 -6.25
CA GLU A 421 19.41 31.26 -6.65
C GLU A 421 19.57 32.24 -5.47
N THR A 422 18.80 32.02 -4.41
CA THR A 422 18.89 32.83 -3.21
C THR A 422 19.55 32.06 -2.06
N TYR A 430 27.88 24.91 -2.63
CA TYR A 430 28.13 23.49 -2.42
C TYR A 430 27.45 22.62 -3.48
N PHE A 431 26.29 23.05 -3.95
CA PHE A 431 25.51 22.26 -4.90
C PHE A 431 26.23 22.07 -6.24
N GLU A 432 27.38 22.71 -6.38
CA GLU A 432 28.25 22.49 -7.53
C GLU A 432 28.93 21.13 -7.43
N ASN A 433 28.70 20.44 -6.32
CA ASN A 433 29.21 19.10 -6.09
C ASN A 433 28.08 18.06 -6.06
N VAL A 434 26.93 18.45 -6.62
CA VAL A 434 25.77 17.58 -6.69
C VAL A 434 25.32 17.39 -8.12
N ASP A 435 24.99 16.15 -8.47
CA ASP A 435 24.33 15.85 -9.73
C ASP A 435 22.89 16.35 -9.65
N ILE A 436 22.64 17.51 -10.25
CA ILE A 436 21.34 18.18 -10.15
C ILE A 436 20.28 17.40 -10.92
N ASP A 437 20.69 16.73 -11.99
CA ASP A 437 19.76 15.94 -12.78
C ASP A 437 19.14 14.80 -11.98
N GLN A 438 19.99 13.95 -11.40
CA GLN A 438 19.52 12.80 -10.63
C GLN A 438 18.67 13.27 -9.46
N LEU A 439 19.10 14.35 -8.82
CA LEU A 439 18.37 14.91 -7.69
C LEU A 439 16.97 15.36 -8.10
N SER A 440 16.91 16.08 -9.22
CA SER A 440 15.64 16.54 -9.77
CA SER A 440 15.64 16.54 -9.78
C SER A 440 14.71 15.37 -10.11
N GLU A 441 15.25 14.35 -10.76
CA GLU A 441 14.44 13.18 -11.10
C GLU A 441 13.93 12.50 -9.83
N SER A 442 14.79 12.42 -8.81
CA SER A 442 14.40 11.83 -7.54
C SER A 442 13.23 12.63 -6.93
N LEU A 443 13.39 13.95 -6.91
CA LEU A 443 12.35 14.85 -6.39
C LEU A 443 11.01 14.65 -7.12
N CYS A 444 11.06 14.67 -8.44
CA CYS A 444 9.88 14.45 -9.28
C CYS A 444 9.18 13.12 -9.01
N VAL A 445 9.96 12.04 -9.05
CA VAL A 445 9.42 10.70 -8.83
C VAL A 445 8.75 10.59 -7.46
N SER A 446 9.47 11.06 -6.45
CA SER A 446 8.94 11.10 -5.09
C SER A 446 7.64 11.89 -4.99
N ALA A 447 7.61 13.03 -5.68
CA ALA A 447 6.45 13.92 -5.71
C ALA A 447 5.24 13.23 -6.33
N ILE A 448 5.43 12.64 -7.49
CA ILE A 448 4.39 11.86 -8.16
C ILE A 448 3.83 10.78 -7.24
N LYS A 449 4.75 10.02 -6.63
CA LYS A 449 4.31 8.91 -5.77
C LYS A 449 3.48 9.41 -4.59
N TYR A 450 3.97 10.43 -3.90
CA TYR A 450 3.24 10.98 -2.75
C TYR A 450 1.89 11.55 -3.15
N PHE A 451 1.87 12.33 -4.22
CA PHE A 451 0.64 12.99 -4.62
C PHE A 451 -0.39 11.96 -4.97
N ASP A 452 0.05 10.84 -5.55
CA ASP A 452 -0.95 9.80 -5.80
C ASP A 452 -1.39 9.09 -4.50
N LEU A 453 -0.43 8.64 -3.71
CA LEU A 453 -0.77 7.81 -2.56
C LEU A 453 -1.50 8.57 -1.45
N LYS A 454 -1.40 9.89 -1.43
CA LYS A 454 -2.11 10.67 -0.40
C LYS A 454 -3.61 10.70 -0.68
N GLN A 455 -4.01 10.48 -1.93
CA GLN A 455 -5.43 10.40 -2.29
C GLN A 455 -6.03 9.09 -1.81
N HIS A 456 -7.29 9.11 -1.37
CA HIS A 456 -8.02 7.86 -1.23
C HIS A 456 -7.92 7.12 -2.58
N ARG A 457 -7.52 5.85 -2.55
CA ARG A 457 -7.22 5.13 -3.79
C ARG A 457 -8.46 5.09 -4.68
N ASN A 458 -9.63 5.00 -4.06
CA ASN A 458 -10.89 4.87 -4.80
C ASN A 458 -11.37 6.17 -5.41
N SER A 459 -10.64 7.26 -5.18
CA SER A 459 -11.07 8.56 -5.68
C SER A 459 -10.36 8.92 -6.97
N ASP A 460 -11.02 9.73 -7.78
CA ASP A 460 -10.41 10.29 -8.97
C ASP A 460 -9.69 11.58 -8.57
N TYR A 461 -8.69 12.00 -9.34
CA TYR A 461 -7.98 13.23 -9.02
C TYR A 461 -7.29 13.85 -10.23
N LYS A 462 -6.92 15.12 -10.08
CA LYS A 462 -6.34 15.92 -11.16
C LYS A 462 -4.82 15.85 -11.17
N PHE A 463 -4.27 15.23 -12.22
CA PHE A 463 -2.83 15.24 -12.40
C PHE A 463 -2.41 16.67 -12.71
N SER A 464 -1.62 17.25 -11.82
CA SER A 464 -1.13 18.61 -11.98
C SER A 464 0.26 18.75 -11.40
N TYR A 465 1.23 19.07 -12.25
CA TYR A 465 2.59 19.29 -11.81
C TYR A 465 2.66 20.48 -10.84
N ASP A 466 1.86 21.50 -11.07
CA ASP A 466 1.84 22.67 -10.20
C ASP A 466 1.46 22.26 -8.77
N ASN A 467 0.35 21.55 -8.65
CA ASN A 467 -0.13 21.06 -7.37
C ASN A 467 0.84 20.11 -6.70
N MET A 468 1.46 19.22 -7.46
CA MET A 468 2.27 18.19 -6.83
C MET A 468 3.70 18.67 -6.50
N LEU A 469 4.17 19.70 -7.19
CA LEU A 469 5.54 20.15 -6.93
C LEU A 469 5.63 21.36 -6.00
N ASN A 470 4.48 21.80 -5.49
CA ASN A 470 4.41 22.97 -4.61
C ASN A 470 5.11 22.72 -3.27
N VAL A 471 6.27 23.35 -3.10
CA VAL A 471 7.06 23.18 -1.89
C VAL A 471 6.26 23.62 -0.64
N LYS A 472 5.23 24.42 -0.86
CA LYS A 472 4.38 24.98 0.21
C LYS A 472 3.18 24.11 0.55
N GLY A 473 2.73 23.29 -0.39
CA GLY A 473 1.51 22.54 -0.18
C GLY A 473 1.69 21.24 0.57
N ASN A 474 0.62 20.45 0.63
CA ASN A 474 0.69 19.07 1.07
C ASN A 474 1.27 18.24 -0.07
N THR A 475 2.60 18.23 -0.18
CA THR A 475 3.27 17.60 -1.32
C THR A 475 4.47 16.76 -0.90
N GLY A 476 4.87 15.84 -1.78
CA GLY A 476 6.07 15.05 -1.55
C GLY A 476 7.34 15.89 -1.41
N ILE A 477 7.39 16.98 -2.16
CA ILE A 477 8.46 17.97 -2.08
C ILE A 477 8.54 18.58 -0.66
N TYR A 478 7.38 18.96 -0.12
CA TYR A 478 7.27 19.46 1.23
C TYR A 478 7.83 18.45 2.23
N ILE A 479 7.41 17.20 2.10
CA ILE A 479 7.82 16.14 3.02
C ILE A 479 9.34 16.01 2.98
N ILE A 480 9.86 16.03 1.75
CA ILE A 480 11.28 15.88 1.53
C ILE A 480 12.06 17.01 2.20
N TYR A 481 11.58 18.24 2.04
CA TYR A 481 12.31 19.35 2.64
C TYR A 481 12.21 19.33 4.15
N GLY A 482 11.10 18.82 4.68
CA GLY A 482 10.98 18.63 6.11
C GLY A 482 12.07 17.69 6.60
N TYR A 483 12.22 16.59 5.87
CA TYR A 483 13.24 15.61 6.20
C TYR A 483 14.66 16.20 6.19
N SER A 484 14.98 16.92 5.12
CA SER A 484 16.30 17.54 5.03
C SER A 484 16.53 18.58 6.14
N ARG A 485 15.47 19.27 6.56
CA ARG A 485 15.60 20.20 7.69
C ARG A 485 15.97 19.45 8.97
N ILE A 486 15.23 18.37 9.23
CA ILE A 486 15.51 17.58 10.42
C ILE A 486 16.95 17.05 10.38
N CYS A 487 17.45 16.67 9.20
CA CYS A 487 18.86 16.24 9.11
C CYS A 487 19.84 17.40 9.36
N SER A 488 19.45 18.57 8.88
CA SER A 488 20.20 19.79 9.07
C SER A 488 20.43 20.05 10.56
N ILE A 489 19.39 19.82 11.37
CA ILE A 489 19.58 19.94 12.83
C ILE A 489 20.78 19.11 13.33
N PHE A 490 20.86 17.85 12.92
CA PHE A 490 21.97 17.01 13.38
C PHE A 490 23.30 17.42 12.80
N ARG A 491 23.30 17.92 11.57
CA ARG A 491 24.55 18.45 11.03
C ARG A 491 25.04 19.66 11.82
N LYS A 492 24.11 20.48 12.32
CA LYS A 492 24.47 21.77 12.95
C LYS A 492 24.65 21.75 14.46
N SER A 493 24.29 20.65 15.13
CA SER A 493 24.42 20.58 16.58
C SER A 493 25.85 20.23 16.98
N THR A 494 26.28 20.80 18.11
CA THR A 494 27.64 20.59 18.60
C THR A 494 27.74 19.32 19.44
N ILE A 495 26.63 18.61 19.58
CA ILE A 495 26.61 17.37 20.35
C ILE A 495 26.43 16.14 19.45
N ASN A 496 27.25 15.12 19.68
CA ASN A 496 27.06 13.83 19.01
C ASN A 496 25.81 13.14 19.55
N VAL A 497 24.88 12.82 18.66
CA VAL A 497 23.63 12.20 19.07
C VAL A 497 23.88 10.83 19.70
N GLU A 498 25.02 10.23 19.37
CA GLU A 498 25.34 8.88 19.81
C GLU A 498 26.09 8.86 21.14
N ASP A 499 26.24 10.04 21.76
CA ASP A 499 26.81 10.11 23.11
C ASP A 499 25.68 10.11 24.14
N ILE A 500 24.46 10.33 23.64
CA ILE A 500 23.28 10.46 24.47
C ILE A 500 22.62 9.13 24.78
N SER A 501 22.40 8.86 26.06
CA SER A 501 21.66 7.68 26.46
C SER A 501 20.15 7.92 26.38
N LYS A 502 19.40 6.84 26.14
CA LYS A 502 17.93 6.92 26.05
C LYS A 502 17.28 7.59 27.26
N ASP A 503 17.92 7.50 28.43
CA ASP A 503 17.29 7.98 29.64
C ASP A 503 17.34 9.51 29.77
N GLU A 504 17.81 10.19 28.72
CA GLU A 504 17.72 11.65 28.70
C GLU A 504 16.29 12.04 28.43
N LEU A 505 15.55 11.11 27.84
CA LEU A 505 14.23 11.39 27.29
C LEU A 505 13.26 11.86 28.35
N SER A 506 12.79 13.09 28.19
CA SER A 506 11.80 13.65 29.10
C SER A 506 10.81 14.54 28.35
N LEU A 507 9.57 14.09 28.32
CA LEU A 507 8.51 14.76 27.59
C LEU A 507 7.82 15.75 28.54
N THR A 508 8.36 16.96 28.58
CA THR A 508 7.99 17.97 29.56
C THR A 508 6.90 18.89 29.04
N SER A 509 6.79 19.01 27.72
CA SER A 509 5.77 19.88 27.15
C SER A 509 4.66 19.07 26.51
N ILE A 510 3.49 19.70 26.37
CA ILE A 510 2.40 19.07 25.68
C ILE A 510 2.80 18.68 24.24
N TYR A 511 3.78 19.39 23.68
CA TYR A 511 4.21 19.17 22.30
C TYR A 511 5.10 17.94 22.18
N GLU A 512 5.90 17.72 23.22
CA GLU A 512 6.77 16.55 23.28
C GLU A 512 5.95 15.30 23.56
N ILE A 513 4.97 15.45 24.44
CA ILE A 513 3.96 14.42 24.67
C ILE A 513 3.28 14.06 23.36
N ASN A 514 2.79 15.07 22.65
CA ASN A 514 2.05 14.84 21.40
C ASN A 514 2.89 14.19 20.29
N LEU A 515 4.13 14.63 20.17
CA LEU A 515 5.07 14.02 19.23
C LEU A 515 5.30 12.55 19.60
N GLY A 516 5.58 12.30 20.87
CA GLY A 516 5.76 10.94 21.37
C GLY A 516 4.59 10.04 21.02
N LEU A 517 3.39 10.55 21.30
CA LEU A 517 2.16 9.84 21.01
C LEU A 517 2.08 9.46 19.53
N HIS A 518 2.23 10.48 18.69
CA HIS A 518 2.10 10.24 17.28
C HIS A 518 3.08 9.17 16.81
N ILE A 519 4.33 9.27 17.29
CA ILE A 519 5.31 8.26 16.97
C ILE A 519 4.83 6.85 17.40
N LEU A 520 4.25 6.75 18.58
CA LEU A 520 3.83 5.43 19.06
C LEU A 520 2.53 4.94 18.39
N LYS A 521 1.87 5.79 17.61
CA LYS A 521 0.69 5.36 16.86
C LYS A 521 1.03 4.52 15.61
N PHE A 522 2.29 4.53 15.21
CA PHE A 522 2.75 3.90 13.96
C PHE A 522 2.17 2.48 13.74
N PRO A 523 2.23 1.60 14.76
CA PRO A 523 1.66 0.26 14.53
C PRO A 523 0.17 0.23 14.19
N ASP A 524 -0.59 1.22 14.66
CA ASP A 524 -2.02 1.30 14.36
C ASP A 524 -2.25 1.39 12.84
N ILE A 525 -1.35 2.11 12.18
CA ILE A 525 -1.45 2.31 10.73
C ILE A 525 -1.39 0.95 10.01
N PHE A 526 -0.47 0.09 10.45
CA PHE A 526 -0.30 -1.21 9.83
C PHE A 526 -1.45 -2.12 10.19
N TYR A 527 -1.86 -2.05 11.45
CA TYR A 527 -3.05 -2.77 11.91
C TYR A 527 -4.25 -2.50 10.98
N TYR A 528 -4.49 -1.25 10.63
CA TYR A 528 -5.64 -0.99 9.76
C TYR A 528 -5.36 -1.26 8.26
N ILE A 529 -4.13 -1.04 7.81
CA ILE A 529 -3.78 -1.34 6.41
C ILE A 529 -4.03 -2.81 6.10
N LEU A 530 -3.58 -3.68 6.98
CA LEU A 530 -3.80 -5.12 6.77
C LEU A 530 -5.30 -5.42 6.58
N LYS A 531 -6.14 -4.61 7.20
CA LYS A 531 -7.58 -4.80 7.17
C LYS A 531 -8.25 -4.23 5.91
N ASN A 532 -7.81 -3.05 5.45
CA ASN A 532 -8.53 -2.39 4.37
C ASN A 532 -7.65 -1.90 3.22
N MET A 533 -6.33 -2.04 3.36
CA MET A 533 -5.38 -1.63 2.31
C MET A 533 -5.50 -0.17 1.90
N LEU A 534 -5.93 0.70 2.81
CA LEU A 534 -5.99 2.12 2.47
C LEU A 534 -4.67 2.80 2.88
N VAL A 535 -3.74 2.86 1.93
CA VAL A 535 -2.38 3.32 2.22
C VAL A 535 -2.29 4.84 2.34
N HIS A 536 -3.33 5.56 1.92
CA HIS A 536 -3.32 7.01 2.09
C HIS A 536 -3.24 7.36 3.61
N LYS A 537 -3.80 6.48 4.45
CA LYS A 537 -3.67 6.60 5.90
C LYS A 537 -2.21 6.70 6.32
N LEU A 538 -1.32 6.00 5.61
CA LEU A 538 0.11 6.08 5.91
C LEU A 538 0.64 7.45 5.50
N ALA A 539 0.28 7.91 4.31
CA ALA A 539 0.73 9.22 3.84
C ALA A 539 0.28 10.32 4.82
N GLU A 540 -1.00 10.25 5.17
CA GLU A 540 -1.60 11.11 6.18
C GLU A 540 -0.74 11.09 7.45
N TYR A 541 -0.45 9.88 7.92
CA TYR A 541 0.28 9.69 9.16
C TYR A 541 1.56 10.46 9.05
N MET A 542 2.16 10.34 7.87
CA MET A 542 3.49 10.85 7.66
C MET A 542 3.41 12.34 7.70
N TYR A 543 2.39 12.86 7.02
CA TYR A 543 2.17 14.30 6.99
C TYR A 543 2.00 14.76 8.43
N ASP A 544 1.21 14.01 9.20
CA ASP A 544 0.90 14.53 10.53
C ASP A 544 2.20 14.51 11.30
N LEU A 545 3.04 13.50 11.03
CA LEU A 545 4.30 13.40 11.76
C LEU A 545 5.07 14.71 11.57
N THR A 546 5.10 15.18 10.33
CA THR A 546 5.89 16.36 10.05
C THR A 546 5.30 17.55 10.79
N THR A 547 3.97 17.72 10.77
CA THR A 547 3.42 18.95 11.34
C THR A 547 3.55 18.92 12.85
N THR A 548 3.22 17.77 13.43
CA THR A 548 3.41 17.59 14.85
C THR A 548 4.84 17.97 15.19
N PHE A 549 5.79 17.50 14.36
CA PHE A 549 7.18 17.75 14.65
C PHE A 549 7.42 19.24 14.64
N THR A 550 6.89 19.90 13.62
CA THR A 550 7.07 21.33 13.48
CA THR A 550 7.09 21.33 13.49
C THR A 550 6.58 22.03 14.74
N ALA A 551 5.43 21.57 15.24
CA ALA A 551 4.82 22.22 16.40
C ALA A 551 5.74 22.05 17.61
N PHE A 552 6.37 20.88 17.70
CA PHE A 552 7.39 20.65 18.68
C PHE A 552 8.46 21.73 18.52
N TYR A 553 9.06 21.81 17.33
CA TYR A 553 10.23 22.68 17.14
C TYR A 553 9.88 24.12 17.51
N GLU A 554 8.88 24.68 16.82
CA GLU A 554 8.46 26.06 17.00
C GLU A 554 8.21 26.43 18.46
N ASN A 555 7.96 25.43 19.30
CA ASN A 555 7.56 25.77 20.66
C ASN A 555 8.58 25.35 21.69
N CYS A 556 9.64 24.67 21.24
CA CYS A 556 10.69 24.27 22.16
C CYS A 556 12.04 24.89 21.80
N LYS A 557 12.06 25.56 20.64
CA LYS A 557 13.24 26.25 20.15
C LYS A 557 13.70 27.41 21.02
N VAL A 558 12.87 27.83 21.97
CA VAL A 558 13.20 29.01 22.79
C VAL A 558 13.53 28.66 24.26
N LEU A 559 13.44 27.38 24.59
CA LEU A 559 13.87 26.88 25.89
C LEU A 559 15.40 26.88 26.05
N ASN A 560 15.87 26.72 27.30
CA ASN A 560 17.30 26.66 27.59
C ASN A 560 17.88 25.26 27.30
N ASN A 561 19.13 25.04 27.69
CA ASN A 561 19.83 23.80 27.31
C ASN A 561 19.55 22.61 28.23
N GLU A 562 18.73 22.80 29.26
CA GLU A 562 18.56 21.78 30.29
C GLU A 562 18.04 20.45 29.73
N ASN A 563 17.07 20.49 28.85
CA ASN A 563 16.52 19.27 28.28
C ASN A 563 16.89 19.10 26.80
N GLU A 564 17.94 19.80 26.39
CA GLU A 564 18.45 19.78 25.01
C GLU A 564 18.72 18.37 24.47
N LYS A 565 19.45 17.57 25.22
CA LYS A 565 19.78 16.20 24.77
C LYS A 565 18.51 15.37 24.47
N SER A 566 17.55 15.38 25.39
CA SER A 566 16.25 14.72 25.15
C SER A 566 15.58 15.21 23.87
N ARG A 567 15.58 16.54 23.65
CA ARG A 567 15.01 17.06 22.41
C ARG A 567 15.74 16.51 21.17
N LEU A 568 17.07 16.42 21.23
CA LEU A 568 17.85 15.90 20.12
C LEU A 568 17.48 14.44 19.85
N LEU A 569 17.30 13.68 20.93
CA LEU A 569 16.85 12.31 20.84
C LEU A 569 15.51 12.22 20.13
N LEU A 570 14.59 13.10 20.51
CA LEU A 570 13.29 13.17 19.84
C LEU A 570 13.46 13.46 18.35
N CYS A 571 14.40 14.35 18.04
CA CYS A 571 14.69 14.67 16.65
C CYS A 571 15.18 13.42 15.89
N SER A 572 16.01 12.61 16.55
CA SER A 572 16.59 11.41 15.95
C SER A 572 15.53 10.36 15.65
N ILE A 573 14.71 10.08 16.66
CA ILE A 573 13.58 9.18 16.44
C ILE A 573 12.70 9.67 15.30
N THR A 574 12.35 10.97 15.34
CA THR A 574 11.47 11.51 14.31
C THR A 574 12.08 11.36 12.91
N LYS A 575 13.37 11.65 12.78
CA LYS A 575 14.09 11.45 11.52
C LYS A 575 13.99 10.00 11.04
N SER A 576 14.39 9.06 11.88
CA SER A 576 14.27 7.64 11.52
C SER A 576 12.87 7.30 11.00
N LEU A 577 11.84 7.73 11.73
CA LEU A 577 10.48 7.38 11.40
C LEU A 577 10.04 8.02 10.07
N LEU A 578 10.42 9.27 9.88
CA LEU A 578 10.09 9.98 8.65
C LEU A 578 10.73 9.30 7.45
N LYS A 579 12.02 8.96 7.57
CA LYS A 579 12.75 8.22 6.54
C LYS A 579 12.02 6.93 6.17
N LEU A 580 11.73 6.13 7.20
CA LEU A 580 11.03 4.86 7.00
C LEU A 580 9.69 5.07 6.28
N CYS A 581 8.90 6.03 6.75
CA CYS A 581 7.59 6.34 6.15
C CYS A 581 7.73 6.70 4.66
N MET A 582 8.76 7.50 4.36
CA MET A 582 9.01 7.97 3.03
C MET A 582 9.30 6.79 2.12
N GLU A 583 10.20 5.91 2.59
CA GLU A 583 10.59 4.71 1.86
C GLU A 583 9.42 3.75 1.64
N LEU A 584 8.58 3.58 2.65
CA LEU A 584 7.44 2.68 2.51
C LEU A 584 6.50 3.17 1.42
N LEU A 585 6.51 4.48 1.17
CA LEU A 585 5.63 5.06 0.15
C LEU A 585 6.34 5.17 -1.19
N GLY A 586 7.58 4.69 -1.24
CA GLY A 586 8.37 4.69 -2.46
C GLY A 586 9.15 5.99 -2.69
N MET A 587 9.24 6.84 -1.67
CA MET A 587 9.98 8.09 -1.82
C MET A 587 11.44 7.90 -1.44
N LYS A 588 12.32 8.75 -1.94
CA LYS A 588 13.72 8.70 -1.55
C LYS A 588 14.12 9.91 -0.72
N PRO A 589 14.39 9.68 0.57
CA PRO A 589 14.86 10.78 1.41
C PRO A 589 16.17 11.38 0.89
N ILE A 590 16.24 12.71 0.85
CA ILE A 590 17.45 13.45 0.54
C ILE A 590 17.87 14.18 1.82
N GLU A 591 19.12 14.00 2.21
CA GLU A 591 19.60 14.51 3.49
C GLU A 591 19.95 15.99 3.45
N LYS A 592 20.58 16.44 2.36
CA LYS A 592 21.00 17.84 2.28
C LYS A 592 20.35 18.58 1.11
N LEU A 593 19.62 19.64 1.43
CA LEU A 593 18.97 20.49 0.42
C LEU A 593 19.08 21.98 0.73
#